data_4MS8
#
_entry.id   4MS8
#
_cell.length_a   175.260
_cell.length_b   60.620
_cell.length_c   70.100
_cell.angle_alpha   90.00
_cell.angle_beta   96.06
_cell.angle_gamma   90.00
#
_symmetry.space_group_name_H-M   'C 1 2 1'
#
loop_
_entity.id
_entity.type
_entity.pdbx_description
1 polymer '42F3 alpha'
2 polymer '42F3 beta'
3 polymer 'H-2 class I histocompatibility antigen, L-D alpha chain'
4 polymer pCPB9
5 water water
#
loop_
_entity_poly.entity_id
_entity_poly.type
_entity_poly.pdbx_seq_one_letter_code
_entity_poly.pdbx_strand_id
1 'polypeptide(L)'
;GSHMAQSVTQPDARVTVSEGASLQLRCKYSYSATPYLFWYVQYPRQGLQMLLKYYSGDPVVQGVNGFEAEFSKSDSSFHL
RKASVHWSDSAVYFCAVSAKGTGSKLSFGKGAKLTVSPNIQNPDPAVYQLRDSKSSDKSVCLFTDFDSQTNVSQSKDSDV
YITDKCVLDMRSMDFKSNSAVAWSNKSDFACANAFNNSIIPEDTFFPSPESS
;
C
2 'polypeptide(L)'
;MGEAAVTQSPRNKVTVTGGNVTLSCRQTNSHNYMYWYRQDTGHGLRLIHYSYGAGNLQIGDVPDGYKATRTTQEDFFLLL
ELASPSQTSLYFCASSDAPGQLYFGEGSKLTVLEDLKNVFPPEVAVFEPSEAEISHTQKATLVCLATGFYPDHVELSWWV
NGKEVHSGVCTDPQPLKEQPALNDSRYALSSRLRVSATFWQNPRNHFRCQVQFYGLSENDEWTQDRAKPVTQIVSAEAWG
RAD
;
D
3 'polypeptide(L)'
;MGPHSMRYYETATSRRGLGEPRYTSVGYVDDKEFVRFDSDAENPRYEPQVPWMEQEGPEYWERITQIAKGQEQWFRVNLR
TLLGYYNQSAGGTHTLQWMYGCDVGSDGRLLRGYEQFAYDGCDYIALNEDLRTWTAADMAAQITRRKWEQAGAAEYYRAY
LEGECVEWLHRYLKNGNATL
;
A
4 'polypeptide(L)' SPAEAGFFL B
#
# COMPACT_ATOMS: atom_id res chain seq x y z
N SER A 7 16.62 0.93 -3.44
CA SER A 7 16.57 0.07 -2.27
C SER A 7 16.51 0.99 -1.08
N VAL A 8 15.59 0.66 -0.17
CA VAL A 8 15.48 1.24 1.15
C VAL A 8 15.47 0.07 2.12
N THR A 9 15.99 0.33 3.31
CA THR A 9 16.07 -0.69 4.35
C THR A 9 15.43 -0.10 5.57
N GLN A 10 14.53 -0.87 6.18
CA GLN A 10 13.97 -0.56 7.49
C GLN A 10 14.52 -1.64 8.44
N PRO A 11 14.99 -1.24 9.61
CA PRO A 11 15.82 -2.18 10.39
C PRO A 11 14.99 -3.17 11.19
N ASP A 12 13.71 -2.89 11.42
CA ASP A 12 12.91 -3.81 12.24
C ASP A 12 11.54 -4.09 11.69
N ALA A 13 11.24 -5.37 11.48
CA ALA A 13 9.97 -5.78 10.86
C ALA A 13 8.77 -5.55 11.79
N ARG A 14 9.02 -5.53 13.09
CA ARG A 14 7.93 -5.22 14.04
C ARG A 14 8.40 -4.39 15.23
N VAL A 15 7.58 -3.40 15.56
CA VAL A 15 7.88 -2.46 16.61
C VAL A 15 6.61 -2.34 17.49
N THR A 16 6.75 -2.37 18.82
CA THR A 16 5.62 -2.12 19.70
C THR A 16 5.93 -0.90 20.52
N VAL A 17 5.00 0.06 20.60
CA VAL A 17 5.17 1.17 21.53
C VAL A 17 3.93 1.29 22.40
N SER A 18 4.06 1.92 23.56
CA SER A 18 2.88 2.17 24.40
C SER A 18 2.07 3.33 23.82
N GLU A 19 0.75 3.26 23.95
CA GLU A 19 -0.10 4.37 23.52
C GLU A 19 0.36 5.67 24.20
N GLY A 20 0.54 6.74 23.43
CA GLY A 20 0.86 8.02 24.05
C GLY A 20 2.36 8.31 23.94
N ALA A 21 3.13 7.28 23.58
CA ALA A 21 4.58 7.42 23.50
C ALA A 21 4.98 7.91 22.14
N SER A 22 6.22 8.40 22.03
CA SER A 22 6.71 8.89 20.74
C SER A 22 7.13 7.75 19.83
N LEU A 23 7.17 8.02 18.54
CA LEU A 23 7.49 7.02 17.54
C LEU A 23 8.65 7.55 16.71
N GLN A 24 9.62 6.68 16.45
CA GLN A 24 10.52 6.88 15.31
C GLN A 24 10.60 5.56 14.56
N LEU A 25 10.36 5.58 13.25
CA LEU A 25 10.57 4.38 12.43
C LEU A 25 11.69 4.70 11.47
N ARG A 26 12.73 3.88 11.43
CA ARG A 26 13.95 4.27 10.70
C ARG A 26 13.95 3.83 9.25
N CYS A 27 14.68 4.54 8.39
CA CYS A 27 14.73 4.15 7.03
C CYS A 27 16.05 4.69 6.49
N LYS A 28 16.81 3.81 5.83
CA LYS A 28 18.03 4.23 5.08
C LYS A 28 17.90 3.91 3.58
N TYR A 29 18.55 4.71 2.72
CA TYR A 29 18.47 4.41 1.28
C TYR A 29 19.88 4.11 0.77
N SER A 30 20.01 3.35 -0.33
CA SER A 30 21.32 2.92 -0.77
C SER A 30 21.82 3.62 -2.03
N TYR A 31 20.97 4.34 -2.73
CA TYR A 31 21.43 5.11 -3.88
C TYR A 31 22.47 6.16 -3.44
N SER A 32 23.38 6.46 -4.33
CA SER A 32 24.39 7.51 -4.10
C SER A 32 23.76 8.90 -4.21
N ALA A 33 23.10 9.15 -5.35
CA ALA A 33 22.42 10.41 -5.59
C ALA A 33 21.17 10.40 -4.77
N THR A 34 20.91 11.49 -4.05
CA THR A 34 19.69 11.51 -3.21
C THR A 34 18.43 11.22 -4.03
N PRO A 35 17.66 10.22 -3.64
CA PRO A 35 16.50 9.90 -4.47
C PRO A 35 15.27 10.65 -3.92
N TYR A 36 14.12 10.43 -4.53
CA TYR A 36 12.84 10.98 -4.03
C TYR A 36 12.42 10.01 -2.95
N LEU A 37 11.96 10.55 -1.82
CA LEU A 37 11.72 9.69 -0.68
C LEU A 37 10.29 9.83 -0.13
N PHE A 38 9.74 8.76 0.42
CA PHE A 38 8.29 8.76 0.75
C PHE A 38 8.05 7.88 1.95
N TRP A 39 6.95 8.15 2.67
CA TRP A 39 6.47 7.09 3.58
C TRP A 39 5.02 6.86 3.26
N TYR A 40 4.64 5.58 3.37
CA TYR A 40 3.26 5.15 3.17
C TYR A 40 2.81 4.36 4.40
N VAL A 41 1.50 4.36 4.66
CA VAL A 41 0.95 3.52 5.73
C VAL A 41 -0.13 2.62 5.15
N GLN A 42 -0.27 1.43 5.73
CA GLN A 42 -1.29 0.51 5.31
C GLN A 42 -2.00 0.07 6.61
N TYR A 43 -3.21 0.57 6.77
CA TYR A 43 -4.09 0.15 7.88
C TYR A 43 -4.57 -1.24 7.63
N PRO A 44 -4.99 -1.97 8.70
CA PRO A 44 -5.40 -3.35 8.47
C PRO A 44 -6.39 -3.46 7.34
N ARG A 45 -6.17 -4.42 6.44
CA ARG A 45 -7.14 -4.75 5.37
C ARG A 45 -7.33 -3.73 4.24
N GLN A 46 -6.43 -2.74 4.13
CA GLN A 46 -6.59 -1.71 3.09
C GLN A 46 -5.34 -1.70 2.21
N GLY A 47 -5.38 -0.91 1.15
CA GLY A 47 -4.14 -0.53 0.46
C GLY A 47 -3.31 0.54 1.18
N LEU A 48 -2.21 0.95 0.56
CA LEU A 48 -1.31 1.87 1.20
C LEU A 48 -1.78 3.29 0.91
N GLN A 49 -1.36 4.25 1.73
CA GLN A 49 -1.72 5.65 1.54
C GLN A 49 -0.49 6.46 1.82
N MET A 50 -0.20 7.46 0.97
CA MET A 50 1.01 8.21 1.14
C MET A 50 0.90 9.08 2.40
N LEU A 51 1.93 9.07 3.23
CA LEU A 51 1.87 9.90 4.45
C LEU A 51 2.69 11.13 4.18
N LEU A 52 3.82 10.95 3.49
CA LEU A 52 4.56 12.18 3.22
C LEU A 52 5.62 11.94 2.12
N LYS A 53 6.29 13.01 1.72
CA LYS A 53 7.28 12.84 0.65
C LYS A 53 8.33 13.92 0.77
N TYR A 54 9.48 13.70 0.13
CA TYR A 54 10.58 14.63 0.10
C TYR A 54 11.19 14.61 -1.33
N TYR A 55 11.17 15.76 -2.01
CA TYR A 55 11.86 15.95 -3.29
C TYR A 55 13.16 16.73 -3.14
N SER A 56 13.11 17.86 -2.45
CA SER A 56 14.30 18.68 -2.29
C SER A 56 13.99 19.72 -1.26
N GLY A 57 14.99 20.54 -0.94
CA GLY A 57 14.81 21.69 -0.05
C GLY A 57 14.81 21.35 1.45
N ASP A 58 13.78 21.79 2.16
CA ASP A 58 13.76 21.67 3.61
C ASP A 58 13.87 20.19 3.93
N PRO A 59 14.86 19.79 4.75
CA PRO A 59 14.96 18.35 5.07
C PRO A 59 13.83 17.78 5.97
N VAL A 60 13.14 18.62 6.74
CA VAL A 60 12.05 18.12 7.62
C VAL A 60 10.74 18.31 6.89
N VAL A 61 10.04 17.22 6.63
CA VAL A 61 8.79 17.33 5.86
C VAL A 61 7.60 16.91 6.74
N GLN A 62 6.46 17.56 6.53
CA GLN A 62 5.27 17.37 7.34
C GLN A 62 4.30 16.49 6.60
N GLY A 63 3.51 15.74 7.35
CA GLY A 63 2.57 14.90 6.69
C GLY A 63 1.23 15.08 7.34
N VAL A 64 0.38 14.15 6.97
CA VAL A 64 -0.90 14.12 7.52
C VAL A 64 -0.78 13.49 8.92
N ASN A 65 -1.71 13.82 9.79
CA ASN A 65 -1.90 13.09 11.06
C ASN A 65 -0.70 13.16 12.01
N GLY A 66 -0.04 14.33 12.05
CA GLY A 66 1.08 14.62 12.93
C GLY A 66 2.38 13.90 12.55
N PHE A 67 2.42 13.24 11.39
CA PHE A 67 3.67 12.55 11.00
C PHE A 67 4.65 13.54 10.40
N GLU A 68 5.95 13.35 10.66
CA GLU A 68 6.97 14.11 9.96
C GLU A 68 8.02 13.13 9.55
N ALA A 69 8.88 13.53 8.64
CA ALA A 69 10.08 12.72 8.42
C ALA A 69 11.24 13.64 8.26
N GLU A 70 12.44 13.14 8.50
CA GLU A 70 13.61 14.01 8.37
C GLU A 70 14.62 13.39 7.42
N PHE A 71 14.92 14.13 6.33
CA PHE A 71 15.98 13.74 5.39
C PHE A 71 17.35 14.08 5.92
N SER A 72 18.23 13.09 6.03
CA SER A 72 19.62 13.34 6.37
C SER A 72 20.51 12.89 5.20
N LYS A 73 21.13 13.87 4.54
CA LYS A 73 22.02 13.63 3.41
C LYS A 73 23.19 12.84 3.93
N SER A 74 23.70 13.27 5.08
CA SER A 74 24.85 12.66 5.72
C SER A 74 24.73 11.15 5.94
N ASP A 75 23.64 10.77 6.57
CA ASP A 75 23.41 9.39 6.96
C ASP A 75 22.61 8.59 5.89
N SER A 76 22.26 9.25 4.77
CA SER A 76 21.33 8.69 3.76
C SER A 76 20.13 8.06 4.43
N SER A 77 19.46 8.85 5.29
CA SER A 77 18.32 8.30 6.03
C SER A 77 17.09 9.21 5.90
N PHE A 78 15.95 8.70 6.32
CA PHE A 78 14.68 9.39 6.16
C PHE A 78 13.77 8.77 7.20
N HIS A 79 14.11 8.95 8.48
CA HIS A 79 13.29 8.42 9.59
C HIS A 79 11.96 9.15 9.73
N LEU A 80 10.91 8.35 9.98
CA LEU A 80 9.54 8.83 10.23
C LEU A 80 9.42 9.09 11.73
N ARG A 81 8.82 10.20 12.10
CA ARG A 81 8.54 10.37 13.52
C ARG A 81 7.11 10.85 13.77
N LYS A 82 6.61 10.54 14.98
CA LYS A 82 5.35 11.12 15.40
C LYS A 82 5.45 11.36 16.92
N ALA A 83 4.96 12.51 17.37
CA ALA A 83 5.19 12.94 18.76
C ALA A 83 4.55 11.99 19.77
N SER A 84 3.35 11.51 19.48
CA SER A 84 2.67 10.63 20.44
C SER A 84 1.69 9.80 19.62
N VAL A 85 1.82 8.50 19.75
CA VAL A 85 0.98 7.65 18.92
C VAL A 85 -0.25 7.14 19.67
N HIS A 86 -1.27 6.87 18.86
CA HIS A 86 -2.56 6.43 19.38
C HIS A 86 -2.77 4.98 18.96
N TRP A 87 -3.68 4.28 19.64
CA TRP A 87 -3.96 2.89 19.28
C TRP A 87 -4.27 2.81 17.78
N SER A 88 -4.98 3.81 17.29
CA SER A 88 -5.39 3.80 15.88
C SER A 88 -4.23 3.95 14.88
N ASP A 89 -3.00 4.20 15.36
CA ASP A 89 -1.81 4.29 14.51
C ASP A 89 -1.20 2.92 14.23
N SER A 90 -1.76 1.87 14.86
CA SER A 90 -1.30 0.52 14.65
C SER A 90 -1.52 0.23 13.17
N ALA A 91 -0.44 -0.09 12.46
CA ALA A 91 -0.51 -0.22 11.02
C ALA A 91 0.86 -0.69 10.55
N VAL A 92 1.00 -1.00 9.25
CA VAL A 92 2.34 -1.24 8.68
C VAL A 92 2.80 0.00 7.93
N TYR A 93 4.04 0.43 8.20
CA TYR A 93 4.59 1.66 7.63
C TYR A 93 5.71 1.30 6.66
N PHE A 94 5.74 1.91 5.47
CA PHE A 94 6.68 1.49 4.45
C PHE A 94 7.43 2.72 4.01
N CYS A 95 8.74 2.67 4.07
CA CYS A 95 9.59 3.70 3.45
C CYS A 95 9.57 3.39 1.96
N ALA A 96 9.68 4.39 1.07
CA ALA A 96 9.72 4.06 -0.35
C ALA A 96 10.60 5.11 -1.02
N VAL A 97 11.16 4.74 -2.17
CA VAL A 97 12.08 5.59 -2.89
C VAL A 97 11.84 5.51 -4.37
N SER A 98 12.15 6.60 -5.07
CA SER A 98 12.33 6.45 -6.49
C SER A 98 13.61 7.20 -6.86
N ALA A 99 14.38 6.60 -7.76
CA ALA A 99 15.65 7.14 -8.20
C ALA A 99 15.51 8.39 -9.04
N LYS A 100 16.43 9.32 -8.83
CA LYS A 100 16.56 10.48 -9.68
C LYS A 100 16.65 9.98 -11.10
N GLY A 101 15.85 10.56 -11.98
CA GLY A 101 15.91 10.15 -13.37
C GLY A 101 14.97 8.99 -13.68
N THR A 102 14.42 8.36 -12.65
CA THR A 102 13.33 7.38 -12.84
C THR A 102 12.32 7.56 -11.68
N GLY A 103 11.86 8.80 -11.56
CA GLY A 103 11.10 9.23 -10.40
C GLY A 103 9.76 8.56 -10.29
N SER A 104 9.25 7.98 -11.39
CA SER A 104 7.95 7.33 -11.29
C SER A 104 8.02 5.84 -11.00
N LYS A 105 9.23 5.29 -10.89
CA LYS A 105 9.36 3.88 -10.54
C LYS A 105 9.58 3.81 -9.05
N LEU A 106 8.52 3.55 -8.31
CA LEU A 106 8.58 3.62 -6.87
C LEU A 106 8.87 2.23 -6.30
N SER A 107 9.86 2.12 -5.44
CA SER A 107 10.23 0.83 -4.81
C SER A 107 9.95 0.96 -3.34
N PHE A 108 9.46 -0.10 -2.72
CA PHE A 108 9.15 -0.03 -1.28
C PHE A 108 10.16 -0.84 -0.43
N GLY A 109 10.35 -0.44 0.83
CA GLY A 109 11.07 -1.29 1.76
C GLY A 109 10.17 -2.44 2.22
N LYS A 110 10.66 -3.24 3.15
CA LYS A 110 9.91 -4.41 3.60
C LYS A 110 8.83 -4.09 4.61
N GLY A 111 8.82 -2.88 5.15
CA GLY A 111 7.72 -2.48 6.04
C GLY A 111 8.00 -2.70 7.53
N ALA A 112 7.39 -1.90 8.39
CA ALA A 112 7.57 -2.02 9.83
C ALA A 112 6.17 -2.11 10.38
N LYS A 113 5.84 -3.26 10.98
CA LYS A 113 4.51 -3.42 11.62
C LYS A 113 4.49 -2.80 13.01
N LEU A 114 3.72 -1.73 13.11
CA LEU A 114 3.68 -0.98 14.38
C LEU A 114 2.45 -1.48 15.16
N THR A 115 2.72 -2.05 16.33
CA THR A 115 1.66 -2.26 17.34
C THR A 115 1.68 -1.20 18.43
N VAL A 116 0.59 -0.47 18.61
CA VAL A 116 0.54 0.48 19.69
C VAL A 116 -0.32 -0.16 20.80
N SER A 117 0.27 -0.42 21.97
CA SER A 117 -0.48 -1.11 23.05
C SER A 117 -1.26 -0.12 23.85
N PRO A 118 -2.57 -0.37 24.00
CA PRO A 118 -3.38 0.57 24.78
C PRO A 118 -3.11 0.41 26.27
N ASN A 119 -3.13 1.48 27.06
CA ASN A 119 -2.98 1.25 28.48
C ASN A 119 -4.30 0.75 29.10
N ILE A 120 -4.28 -0.41 29.76
CA ILE A 120 -5.51 -0.95 30.33
C ILE A 120 -5.69 -0.34 31.72
N GLN A 121 -6.60 0.61 31.87
CA GLN A 121 -6.75 1.30 33.17
C GLN A 121 -7.03 0.39 34.37
N ASN A 122 -8.11 -0.38 34.33
CA ASN A 122 -8.46 -1.21 35.46
C ASN A 122 -8.47 -2.69 35.06
N PRO A 123 -7.29 -3.30 35.00
CA PRO A 123 -7.23 -4.68 34.52
C PRO A 123 -7.85 -5.61 35.53
N ASP A 124 -8.47 -6.65 35.00
CA ASP A 124 -9.31 -7.51 35.80
C ASP A 124 -9.13 -8.90 35.22
N PRO A 125 -7.88 -9.37 35.17
CA PRO A 125 -7.64 -10.55 34.35
C PRO A 125 -8.52 -11.70 34.82
N ALA A 126 -8.98 -12.53 33.89
CA ALA A 126 -9.88 -13.63 34.23
C ALA A 126 -9.89 -14.61 33.05
N VAL A 127 -10.20 -15.88 33.32
CA VAL A 127 -10.43 -16.85 32.25
C VAL A 127 -11.84 -17.39 32.46
N TYR A 128 -12.67 -17.27 31.45
CA TYR A 128 -14.06 -17.68 31.54
C TYR A 128 -14.25 -18.87 30.59
N GLN A 129 -15.14 -19.80 30.92
CA GLN A 129 -15.51 -20.84 29.96
C GLN A 129 -16.82 -20.43 29.26
N LEU A 130 -16.84 -20.55 27.94
CA LEU A 130 -18.00 -20.20 27.13
C LEU A 130 -18.53 -21.48 26.45
N ARG A 131 -19.85 -21.70 26.46
CA ARG A 131 -20.37 -22.88 25.77
C ARG A 131 -21.03 -22.59 24.42
N ASP A 132 -20.95 -23.56 23.50
CA ASP A 132 -21.55 -23.45 22.18
C ASP A 132 -23.02 -23.19 22.31
N SER A 133 -23.47 -22.16 21.60
CA SER A 133 -24.88 -21.86 21.54
C SER A 133 -25.71 -23.05 21.03
N LYS A 134 -25.09 -23.93 20.23
CA LYS A 134 -25.81 -25.04 19.62
C LYS A 134 -25.79 -26.36 20.40
N SER A 135 -24.64 -26.73 20.96
CA SER A 135 -24.58 -28.02 21.67
C SER A 135 -24.37 -27.82 23.17
N ASP A 137 -22.13 -29.60 24.11
CA ASP A 137 -20.93 -30.24 24.62
C ASP A 137 -19.69 -29.39 24.37
N LYS A 138 -19.65 -28.65 23.26
CA LYS A 138 -18.45 -27.90 22.89
C LYS A 138 -18.24 -26.63 23.72
N SER A 139 -16.98 -26.37 24.08
CA SER A 139 -16.58 -25.22 24.90
C SER A 139 -15.31 -24.51 24.40
N VAL A 140 -15.18 -23.25 24.79
CA VAL A 140 -14.03 -22.46 24.52
C VAL A 140 -13.61 -21.73 25.81
N CYS A 141 -12.32 -21.41 25.94
CA CYS A 141 -11.81 -20.70 27.12
C CYS A 141 -11.36 -19.30 26.71
N LEU A 142 -11.85 -18.30 27.44
CA LEU A 142 -11.59 -16.90 27.10
C LEU A 142 -10.74 -16.21 28.19
N PHE A 143 -9.49 -15.88 27.86
CA PHE A 143 -8.63 -15.20 28.81
C PHE A 143 -8.79 -13.73 28.44
N THR A 144 -9.10 -12.88 29.42
CA THR A 144 -9.52 -11.52 29.09
C THR A 144 -9.25 -10.50 30.23
N ASP A 145 -9.14 -9.24 29.80
CA ASP A 145 -9.08 -8.09 30.70
C ASP A 145 -7.74 -7.99 31.39
N PHE A 146 -6.72 -8.62 30.79
CA PHE A 146 -5.36 -8.51 31.32
C PHE A 146 -4.67 -7.25 30.78
N ASP A 147 -3.56 -6.88 31.43
CA ASP A 147 -2.80 -5.68 31.10
C ASP A 147 -2.02 -5.94 29.81
N SER A 148 -1.60 -4.90 29.11
CA SER A 148 -0.97 -5.09 27.79
C SER A 148 0.45 -5.64 27.85
N GLN A 149 1.00 -5.76 29.05
CA GLN A 149 2.35 -6.32 29.19
C GLN A 149 2.30 -7.85 29.40
N THR A 150 1.11 -8.42 29.56
CA THR A 150 0.97 -9.87 29.61
C THR A 150 1.25 -10.52 28.25
N ASN A 151 2.12 -11.52 28.22
CA ASN A 151 2.29 -12.29 27.00
C ASN A 151 1.44 -13.53 26.99
N VAL A 152 0.69 -13.75 25.92
CA VAL A 152 0.01 -15.04 25.75
C VAL A 152 0.90 -15.99 24.97
N SER A 153 1.19 -17.15 25.55
CA SER A 153 2.12 -18.03 24.88
C SER A 153 1.42 -19.12 24.03
N GLN A 154 2.14 -19.70 23.07
CA GLN A 154 1.53 -20.71 22.23
C GLN A 154 1.51 -22.09 22.92
N SER A 155 0.57 -22.92 22.51
CA SER A 155 0.45 -24.27 23.03
C SER A 155 1.55 -25.10 22.42
N LYS A 156 2.15 -25.96 23.26
CA LYS A 156 3.11 -27.00 22.87
C LYS A 156 2.40 -28.29 22.46
N ASP A 157 1.08 -28.26 22.46
CA ASP A 157 0.27 -29.44 22.17
C ASP A 157 -0.50 -29.19 20.88
N SER A 158 -0.22 -29.99 19.84
CA SER A 158 -0.94 -29.94 18.55
C SER A 158 -2.46 -29.80 18.68
N ASP A 159 -3.04 -30.56 19.60
CA ASP A 159 -4.49 -30.59 19.80
C ASP A 159 -5.07 -29.43 20.63
N VAL A 160 -4.22 -28.55 21.13
CA VAL A 160 -4.73 -27.42 21.88
C VAL A 160 -4.43 -26.10 21.15
N TYR A 161 -5.47 -25.35 20.85
CA TYR A 161 -5.33 -24.17 20.03
C TYR A 161 -5.45 -22.94 20.90
N ILE A 162 -4.47 -22.04 20.79
CA ILE A 162 -4.46 -20.78 21.56
C ILE A 162 -4.11 -19.59 20.66
N THR A 163 -4.97 -18.59 20.61
CA THR A 163 -4.74 -17.47 19.68
C THR A 163 -3.80 -16.41 20.29
N ASP A 164 -3.24 -15.50 19.49
CA ASP A 164 -2.63 -14.36 20.14
C ASP A 164 -3.68 -13.48 20.78
N LYS A 165 -3.23 -12.55 21.63
CA LYS A 165 -4.12 -11.56 22.19
C LYS A 165 -4.63 -10.63 21.09
N CYS A 166 -5.82 -10.10 21.30
CA CYS A 166 -6.54 -9.28 20.32
C CYS A 166 -7.12 -8.14 21.18
N VAL A 167 -6.92 -6.89 20.76
CA VAL A 167 -7.52 -5.74 21.48
C VAL A 167 -8.88 -5.41 20.87
N LEU A 168 -9.96 -5.38 21.65
CA LEU A 168 -11.24 -4.91 21.12
C LEU A 168 -11.54 -3.59 21.77
N ASP A 169 -12.33 -2.77 21.07
CA ASP A 169 -12.70 -1.47 21.61
C ASP A 169 -14.23 -1.36 21.66
N MET A 170 -14.80 -1.34 22.86
CA MET A 170 -16.23 -1.10 23.05
C MET A 170 -16.39 0.39 23.07
N ARG A 171 -16.67 0.93 21.88
CA ARG A 171 -16.61 2.36 21.65
C ARG A 171 -17.54 3.20 22.52
N SER A 172 -18.82 2.86 22.53
CA SER A 172 -19.79 3.63 23.30
C SER A 172 -19.44 3.61 24.80
N MET A 173 -18.62 2.64 25.19
CA MET A 173 -18.18 2.49 26.56
C MET A 173 -16.82 3.15 26.79
N ASP A 174 -16.26 3.67 25.70
CA ASP A 174 -14.84 4.04 25.60
C ASP A 174 -13.96 3.08 26.38
N PHE A 175 -14.05 1.81 26.05
CA PHE A 175 -13.44 0.79 26.86
C PHE A 175 -12.73 -0.23 25.99
N LYS A 176 -11.42 -0.38 26.18
CA LYS A 176 -10.72 -1.35 25.38
C LYS A 176 -10.26 -2.46 26.27
N SER A 177 -10.15 -3.64 25.68
CA SER A 177 -9.73 -4.84 26.42
C SER A 177 -9.01 -5.85 25.55
N ASN A 178 -8.07 -6.55 26.18
CA ASN A 178 -7.30 -7.60 25.55
C ASN A 178 -8.02 -8.93 25.75
N SER A 179 -7.85 -9.86 24.81
CA SER A 179 -8.29 -11.24 25.11
C SER A 179 -7.58 -12.24 24.21
N ALA A 180 -7.51 -13.50 24.66
CA ALA A 180 -7.08 -14.60 23.80
C ALA A 180 -8.05 -15.76 24.01
N VAL A 181 -8.15 -16.61 23.02
CA VAL A 181 -9.07 -17.74 23.09
C VAL A 181 -8.29 -19.06 22.98
N ALA A 182 -8.69 -20.05 23.78
CA ALA A 182 -8.05 -21.35 23.81
C ALA A 182 -9.14 -22.40 23.70
N TRP A 183 -8.87 -23.46 22.94
CA TRP A 183 -9.86 -24.53 22.83
C TRP A 183 -9.22 -25.82 22.36
N SER A 184 -9.91 -26.92 22.64
CA SER A 184 -9.41 -28.23 22.30
C SER A 184 -10.57 -29.20 22.24
N ASN A 185 -10.66 -29.95 21.14
CA ASN A 185 -11.62 -31.03 21.02
C ASN A 185 -11.01 -32.24 21.69
N LYS A 186 -10.93 -32.21 23.02
CA LYS A 186 -10.18 -33.22 23.77
C LYS A 186 -10.93 -33.60 25.03
N ASP A 188 -10.07 -33.96 28.38
CA ASP A 188 -9.76 -33.45 29.71
C ASP A 188 -9.20 -32.01 29.70
N PHE A 189 -9.37 -31.32 28.57
CA PHE A 189 -8.99 -29.90 28.49
C PHE A 189 -9.84 -29.12 29.49
N ALA A 190 -9.21 -28.31 30.33
CA ALA A 190 -9.92 -27.47 31.30
C ALA A 190 -9.44 -26.02 31.21
N CYS A 191 -10.32 -25.06 31.46
CA CYS A 191 -9.89 -23.66 31.30
C CYS A 191 -8.90 -23.25 32.41
N ALA A 192 -8.96 -23.93 33.55
CA ALA A 192 -8.04 -23.59 34.64
C ALA A 192 -6.57 -23.89 34.31
N ASN A 193 -6.32 -24.63 33.24
CA ASN A 193 -4.94 -24.88 32.82
C ASN A 193 -4.64 -24.57 31.34
N ALA A 194 -5.62 -23.99 30.64
CA ALA A 194 -5.49 -23.75 29.22
C ALA A 194 -4.33 -22.80 28.94
N PHE A 195 -4.08 -21.90 29.90
CA PHE A 195 -3.05 -20.89 29.70
C PHE A 195 -1.94 -21.10 30.70
N ASN A 197 1.66 -20.36 29.38
CA ASN A 197 1.73 -18.90 29.42
C ASN A 197 1.96 -18.30 30.82
N SER A 198 2.51 -17.09 30.87
CA SER A 198 2.75 -16.39 32.12
C SER A 198 1.60 -15.44 32.49
N ILE A 199 0.67 -15.93 33.32
CA ILE A 199 -0.48 -15.12 33.69
C ILE A 199 -0.35 -14.58 35.10
N ILE A 200 -1.06 -13.49 35.36
CA ILE A 200 -1.02 -12.82 36.65
C ILE A 200 -1.75 -13.69 37.68
N PRO A 201 -1.06 -14.09 38.77
CA PRO A 201 -1.63 -14.93 39.85
C PRO A 201 -2.99 -14.49 40.37
N GLU A 202 -3.33 -13.20 40.29
CA GLU A 202 -4.64 -12.76 40.78
C GLU A 202 -5.76 -12.77 39.69
N ASP A 203 -5.55 -13.49 38.59
CA ASP A 203 -6.61 -13.61 37.60
C ASP A 203 -7.71 -14.60 38.02
N THR A 204 -8.97 -14.24 37.73
CA THR A 204 -10.16 -14.93 38.26
C THR A 204 -10.38 -16.26 37.52
N PHE A 205 -10.65 -17.32 38.28
CA PHE A 205 -11.08 -18.64 37.78
C PHE A 205 -12.23 -19.17 38.64
N ALA B 5 -9.38 6.82 -6.19
CA ALA B 5 -10.53 6.03 -6.65
C ALA B 5 -10.13 4.90 -7.60
N VAL B 6 -9.27 4.00 -7.13
CA VAL B 6 -8.71 2.92 -7.94
C VAL B 6 -9.51 1.67 -7.63
N THR B 7 -10.06 1.03 -8.66
CA THR B 7 -10.90 -0.12 -8.46
C THR B 7 -10.34 -1.41 -9.04
N GLN B 8 -10.10 -2.41 -8.21
CA GLN B 8 -9.57 -3.66 -8.77
C GLN B 8 -10.47 -4.88 -8.57
N SER B 9 -10.40 -5.82 -9.49
CA SER B 9 -11.38 -6.87 -9.50
C SER B 9 -10.71 -8.12 -10.03
N PRO B 10 -10.99 -9.31 -9.46
CA PRO B 10 -11.80 -9.60 -8.26
C PRO B 10 -11.00 -9.31 -6.98
N ARG B 11 -11.71 -9.07 -5.88
CA ARG B 11 -11.03 -8.79 -4.61
C ARG B 11 -10.48 -10.10 -4.06
N ASN B 12 -11.08 -11.21 -4.45
CA ASN B 12 -10.63 -12.50 -3.98
C ASN B 12 -10.70 -13.53 -5.11
N LYS B 13 -9.72 -14.41 -5.18
CA LYS B 13 -9.79 -15.42 -6.25
C LYS B 13 -9.02 -16.66 -5.80
N VAL B 14 -9.56 -17.82 -6.11
CA VAL B 14 -8.82 -19.04 -5.85
C VAL B 14 -8.72 -19.80 -7.17
N THR B 15 -7.55 -20.31 -7.52
CA THR B 15 -7.40 -21.09 -8.78
C THR B 15 -6.48 -22.29 -8.56
N VAL B 16 -6.47 -23.22 -9.50
CA VAL B 16 -5.59 -24.38 -9.41
C VAL B 16 -4.36 -24.04 -10.24
N THR B 17 -3.22 -24.66 -9.93
CA THR B 17 -1.99 -24.55 -10.73
C THR B 17 -2.26 -24.77 -12.19
N GLY B 18 -1.74 -23.86 -13.03
CA GLY B 18 -1.91 -24.01 -14.46
C GLY B 18 -3.14 -23.23 -14.88
N GLY B 19 -3.86 -22.69 -13.90
CA GLY B 19 -5.04 -21.88 -14.20
C GLY B 19 -4.70 -20.55 -14.84
N ASN B 20 -5.69 -19.93 -15.49
CA ASN B 20 -5.55 -18.63 -16.13
C ASN B 20 -6.30 -17.61 -15.28
N VAL B 21 -5.57 -16.60 -14.82
CA VAL B 21 -6.14 -15.56 -13.95
C VAL B 21 -5.87 -14.16 -14.54
N THR B 22 -6.92 -13.34 -14.72
CA THR B 22 -6.70 -11.95 -15.09
C THR B 22 -7.21 -11.08 -13.96
N LEU B 23 -6.38 -10.14 -13.52
CA LEU B 23 -6.79 -9.15 -12.56
C LEU B 23 -7.03 -7.81 -13.28
N SER B 24 -8.16 -7.18 -13.00
CA SER B 24 -8.51 -5.93 -13.66
C SER B 24 -8.30 -4.77 -12.71
N CYS B 25 -7.83 -3.65 -13.24
CA CYS B 25 -7.78 -2.42 -12.45
C CYS B 25 -8.26 -1.29 -13.32
N ARG B 26 -9.21 -0.49 -12.81
CA ARG B 26 -9.63 0.71 -13.51
C ARG B 26 -9.50 1.94 -12.61
N GLN B 27 -9.09 3.06 -13.17
CA GLN B 27 -9.08 4.29 -12.40
C GLN B 27 -9.79 5.39 -13.15
N THR B 28 -10.71 6.05 -12.45
CA THR B 28 -11.55 7.05 -13.09
C THR B 28 -10.86 8.42 -13.05
N ASN B 29 -10.06 8.63 -12.01
CA ASN B 29 -9.51 9.95 -11.74
C ASN B 29 -8.42 10.47 -12.67
N SER B 30 -8.43 10.02 -13.92
CA SER B 30 -7.63 10.61 -15.01
C SER B 30 -6.08 10.56 -14.93
N HIS B 31 -5.49 9.55 -14.28
CA HIS B 31 -4.03 9.48 -14.15
C HIS B 31 -3.30 8.83 -15.34
N ASN B 32 -1.99 9.09 -15.46
CA ASN B 32 -1.20 8.43 -16.49
C ASN B 32 -0.49 7.17 -16.03
N TYR B 33 0.24 7.26 -14.92
CA TYR B 33 1.01 6.12 -14.41
C TYR B 33 0.09 5.13 -13.71
N MET B 34 0.23 3.84 -14.04
CA MET B 34 -0.44 2.78 -13.30
C MET B 34 0.54 1.64 -13.03
N TYR B 35 0.28 0.85 -11.99
CA TYR B 35 1.26 -0.08 -11.43
C TYR B 35 0.53 -1.33 -10.96
N TRP B 36 1.22 -2.47 -11.05
CA TRP B 36 0.85 -3.70 -10.31
C TRP B 36 1.95 -4.15 -9.38
N TYR B 37 1.61 -4.34 -8.10
CA TYR B 37 2.55 -4.78 -7.05
C TYR B 37 1.97 -6.05 -6.45
N ARG B 38 2.84 -6.90 -5.90
CA ARG B 38 2.41 -7.94 -4.98
C ARG B 38 3.04 -7.67 -3.63
N GLN B 39 2.35 -8.07 -2.56
CA GLN B 39 2.83 -7.87 -1.20
C GLN B 39 2.94 -9.25 -0.58
N ASP B 40 4.10 -9.53 0.01
CA ASP B 40 4.32 -10.83 0.69
C ASP B 40 5.17 -10.61 1.91
N THR B 41 4.90 -11.41 2.93
CA THR B 41 5.64 -11.22 4.16
C THR B 41 7.12 -11.56 3.92
N GLY B 42 8.01 -10.76 4.48
CA GLY B 42 9.43 -10.89 4.17
C GLY B 42 9.83 -10.06 2.97
N HIS B 43 8.86 -9.63 2.18
CA HIS B 43 9.22 -8.85 0.99
C HIS B 43 8.63 -7.46 0.83
N GLY B 44 7.76 -7.01 1.73
CA GLY B 44 7.07 -5.75 1.43
C GLY B 44 6.27 -5.81 0.12
N LEU B 45 6.21 -4.69 -0.61
CA LEU B 45 5.63 -4.67 -1.94
C LEU B 45 6.73 -4.75 -2.99
N ARG B 46 6.55 -5.63 -3.97
CA ARG B 46 7.48 -5.70 -5.13
C ARG B 46 6.74 -5.39 -6.41
N LEU B 47 7.37 -4.59 -7.27
CA LEU B 47 6.67 -4.08 -8.44
C LEU B 47 6.76 -5.12 -9.53
N ILE B 48 5.61 -5.44 -10.14
CA ILE B 48 5.59 -6.49 -11.17
C ILE B 48 5.71 -5.88 -12.55
N HIS B 49 4.76 -5.00 -12.89
CA HIS B 49 4.79 -4.25 -14.16
C HIS B 49 4.17 -2.88 -13.96
N TYR B 50 4.49 -1.95 -14.85
CA TYR B 50 3.89 -0.62 -14.74
C TYR B 50 3.74 0.04 -16.09
N SER B 51 3.12 1.22 -16.13
CA SER B 51 2.74 1.76 -17.41
C SER B 51 2.53 3.26 -17.35
N TYR B 52 2.97 4.00 -18.36
CA TYR B 52 2.75 5.45 -18.31
C TYR B 52 1.54 5.92 -19.10
N GLY B 53 0.85 4.99 -19.72
CA GLY B 53 -0.26 5.42 -20.55
C GLY B 53 -0.66 4.28 -21.44
N ALA B 54 -1.74 4.45 -22.20
CA ALA B 54 -2.22 3.40 -23.07
C ALA B 54 -1.13 2.90 -24.02
N GLY B 55 -0.94 1.59 -24.08
CA GLY B 55 0.00 0.99 -25.01
C GLY B 55 1.43 0.93 -24.51
N ASN B 56 1.67 1.45 -23.30
CA ASN B 56 3.01 1.44 -22.75
C ASN B 56 3.12 0.40 -21.65
N LEU B 57 4.09 -0.47 -21.74
CA LEU B 57 4.25 -1.47 -20.67
C LEU B 57 5.73 -1.39 -20.36
N GLN B 58 6.05 -1.42 -19.06
CA GLN B 58 7.42 -1.40 -18.53
C GLN B 58 7.54 -2.51 -17.50
N ILE B 59 8.62 -3.30 -17.55
CA ILE B 59 8.70 -4.40 -16.57
C ILE B 59 9.20 -3.87 -15.21
N GLY B 60 8.68 -4.44 -14.14
CA GLY B 60 9.07 -4.07 -12.81
C GLY B 60 10.25 -4.91 -12.36
N ASP B 61 10.28 -5.19 -11.06
CA ASP B 61 11.31 -6.00 -10.46
C ASP B 61 11.05 -7.50 -10.49
N VAL B 62 9.78 -7.87 -10.48
CA VAL B 62 9.45 -9.29 -10.44
C VAL B 62 8.44 -9.69 -11.52
N PRO B 63 8.82 -9.41 -12.79
CA PRO B 63 7.91 -9.68 -13.90
C PRO B 63 7.67 -11.17 -14.21
N ASP B 64 8.59 -12.08 -13.79
CA ASP B 64 8.54 -13.48 -14.28
C ASP B 64 7.21 -14.17 -13.95
N GLY B 65 6.56 -14.71 -14.99
CA GLY B 65 5.27 -15.37 -14.82
C GLY B 65 4.08 -14.44 -14.94
N TYR B 66 4.31 -13.15 -15.15
CA TYR B 66 3.20 -12.20 -15.31
C TYR B 66 3.32 -11.49 -16.64
N LYS B 67 2.18 -11.17 -17.27
CA LYS B 67 2.18 -10.24 -18.42
C LYS B 67 1.18 -9.18 -18.01
N ALA B 68 1.24 -8.01 -18.64
CA ALA B 68 0.30 -6.95 -18.30
C ALA B 68 -0.13 -6.31 -19.58
N THR B 69 -1.30 -5.69 -19.58
CA THR B 69 -1.73 -4.95 -20.74
C THR B 69 -2.42 -3.62 -20.32
N ARG B 70 -2.10 -2.53 -21.01
CA ARG B 70 -2.67 -1.23 -20.69
C ARG B 70 -3.38 -0.83 -21.95
N THR B 71 -4.67 -1.15 -21.97
CA THR B 71 -5.39 -0.97 -23.22
C THR B 71 -5.94 0.44 -23.38
N THR B 72 -6.32 1.08 -22.26
CA THR B 72 -6.83 2.45 -22.28
C THR B 72 -6.17 3.18 -21.11
N GLN B 73 -6.39 4.48 -21.01
CA GLN B 73 -5.82 5.24 -19.90
C GLN B 73 -6.47 4.81 -18.59
N GLU B 74 -7.72 4.34 -18.67
CA GLU B 74 -8.43 3.95 -17.48
C GLU B 74 -8.06 2.54 -16.99
N ASP B 75 -7.65 1.66 -17.91
CA ASP B 75 -7.61 0.21 -17.63
C ASP B 75 -6.21 -0.44 -17.65
N PHE B 76 -5.85 -1.13 -16.56
CA PHE B 76 -4.56 -1.83 -16.45
C PHE B 76 -4.76 -3.27 -15.97
N PHE B 77 -4.41 -4.24 -16.82
CA PHE B 77 -4.69 -5.64 -16.52
C PHE B 77 -3.43 -6.41 -16.19
N LEU B 78 -3.53 -7.34 -15.24
CA LEU B 78 -2.44 -8.27 -14.91
C LEU B 78 -2.85 -9.71 -15.24
N LEU B 79 -2.09 -10.36 -16.11
CA LEU B 79 -2.39 -11.72 -16.54
C LEU B 79 -1.36 -12.75 -16.02
N LEU B 80 -1.93 -13.77 -15.38
CA LEU B 80 -1.23 -14.94 -14.91
C LEU B 80 -1.76 -16.07 -15.82
N GLU B 81 -1.07 -16.29 -16.93
CA GLU B 81 -1.54 -17.20 -17.94
C GLU B 81 -1.42 -18.65 -17.51
N LEU B 82 -0.43 -18.95 -16.67
CA LEU B 82 -0.34 -20.33 -16.15
C LEU B 82 -0.03 -20.26 -14.67
N ALA B 83 -1.06 -20.13 -13.88
CA ALA B 83 -0.84 -19.78 -12.46
C ALA B 83 -0.02 -20.83 -11.76
N SER B 84 0.90 -20.39 -10.91
CA SER B 84 1.69 -21.32 -10.11
C SER B 84 1.51 -20.97 -8.63
N PRO B 85 1.74 -21.95 -7.74
CA PRO B 85 1.56 -21.70 -6.31
C PRO B 85 2.36 -20.52 -5.81
N SER B 86 3.50 -20.25 -6.40
CA SER B 86 4.26 -19.09 -5.93
C SER B 86 3.58 -17.74 -6.17
N GLN B 87 2.55 -17.72 -7.01
CA GLN B 87 1.77 -16.50 -7.27
C GLN B 87 0.61 -16.25 -6.29
N THR B 88 0.50 -17.16 -5.32
CA THR B 88 -0.39 -16.89 -4.16
C THR B 88 0.16 -15.64 -3.47
N SER B 89 -0.67 -14.60 -3.38
CA SER B 89 -0.20 -13.33 -2.89
C SER B 89 -1.38 -12.40 -2.78
N LEU B 90 -1.07 -11.19 -2.33
CA LEU B 90 -2.00 -10.04 -2.29
C LEU B 90 -1.51 -9.01 -3.30
N TYR B 91 -2.34 -8.70 -4.28
CA TYR B 91 -1.95 -7.87 -5.41
C TYR B 91 -2.58 -6.50 -5.34
N PHE B 92 -1.81 -5.45 -5.57
CA PHE B 92 -2.32 -4.08 -5.53
C PHE B 92 -2.09 -3.36 -6.84
N CYS B 93 -3.15 -2.74 -7.34
CA CYS B 93 -3.03 -1.81 -8.44
C CYS B 93 -2.85 -0.44 -7.83
N ALA B 94 -2.14 0.44 -8.53
CA ALA B 94 -2.06 1.82 -8.06
C ALA B 94 -2.02 2.75 -9.29
N SER B 95 -2.46 4.00 -9.12
CA SER B 95 -2.27 4.99 -10.16
C SER B 95 -1.58 6.21 -9.57
N SER B 96 -1.12 7.13 -10.42
CA SER B 96 -0.42 8.26 -9.90
C SER B 96 -0.54 9.44 -10.84
N ASP B 97 -0.46 10.65 -10.27
CA ASP B 97 -0.44 11.87 -11.06
C ASP B 97 0.78 12.71 -10.74
N ALA B 98 1.74 12.16 -10.00
CA ALA B 98 2.92 12.93 -9.55
C ALA B 98 3.99 11.91 -9.20
N PRO B 99 5.26 12.14 -9.62
CA PRO B 99 6.32 11.15 -9.38
C PRO B 99 6.40 10.63 -7.95
N GLY B 100 6.16 9.33 -7.80
CA GLY B 100 6.23 8.68 -6.50
C GLY B 100 4.99 8.77 -5.63
N GLN B 101 3.99 9.52 -6.09
CA GLN B 101 2.78 9.68 -5.30
C GLN B 101 1.67 8.76 -5.85
N LEU B 102 1.36 7.68 -5.12
CA LEU B 102 0.54 6.61 -5.65
C LEU B 102 -0.74 6.45 -4.82
N TYR B 103 -1.82 6.16 -5.51
CA TYR B 103 -3.13 5.95 -4.90
C TYR B 103 -3.42 4.50 -5.13
N PHE B 104 -3.77 3.77 -4.07
CA PHE B 104 -3.84 2.30 -4.16
C PHE B 104 -5.25 1.75 -4.22
N GLY B 105 -5.42 0.64 -4.90
CA GLY B 105 -6.75 0.02 -4.91
C GLY B 105 -6.84 -0.81 -3.64
N GLU B 106 -7.93 -1.55 -3.47
CA GLU B 106 -8.14 -2.25 -2.21
C GLU B 106 -7.50 -3.61 -2.10
N GLY B 107 -6.88 -4.11 -3.16
CA GLY B 107 -6.15 -5.39 -3.10
C GLY B 107 -6.96 -6.53 -3.69
N SER B 108 -6.26 -7.53 -4.23
CA SER B 108 -6.89 -8.73 -4.81
C SER B 108 -6.13 -9.86 -4.16
N LYS B 109 -6.78 -10.62 -3.29
CA LYS B 109 -6.09 -11.74 -2.66
C LYS B 109 -6.26 -12.99 -3.54
N LEU B 110 -5.17 -13.63 -3.93
CA LEU B 110 -5.24 -14.78 -4.82
C LEU B 110 -4.60 -15.94 -4.09
N THR B 111 -5.25 -17.10 -4.11
CA THR B 111 -4.60 -18.35 -3.73
C THR B 111 -4.47 -19.27 -4.96
N VAL B 112 -3.28 -19.82 -5.20
CA VAL B 112 -3.11 -20.81 -6.23
C VAL B 112 -2.82 -22.14 -5.54
N LEU B 113 -3.71 -23.10 -5.76
CA LEU B 113 -3.64 -24.41 -5.09
C LEU B 113 -3.22 -25.48 -6.04
N GLU B 114 -2.48 -26.48 -5.55
CA GLU B 114 -2.05 -27.53 -6.43
C GLU B 114 -3.08 -28.64 -6.57
N ASP B 115 -3.81 -28.92 -5.48
CA ASP B 115 -4.68 -30.08 -5.42
C ASP B 115 -5.98 -29.65 -4.77
N LEU B 116 -7.03 -29.59 -5.59
CA LEU B 116 -8.34 -29.11 -5.15
C LEU B 116 -8.96 -30.00 -4.05
N LYS B 117 -8.42 -31.18 -3.84
CA LYS B 117 -8.96 -32.06 -2.81
C LYS B 117 -8.48 -31.73 -1.40
N ASN B 118 -7.68 -30.69 -1.26
CA ASN B 118 -7.19 -30.27 0.05
C ASN B 118 -8.15 -29.23 0.58
N VAL B 119 -9.16 -28.89 -0.23
CA VAL B 119 -10.00 -27.71 -0.03
C VAL B 119 -11.20 -28.08 0.86
N PHE B 120 -11.43 -27.30 1.91
CA PHE B 120 -12.49 -27.58 2.89
C PHE B 120 -13.08 -26.26 3.42
N PRO B 121 -14.42 -26.14 3.43
CA PRO B 121 -15.01 -24.91 3.95
C PRO B 121 -14.89 -24.92 5.48
N PRO B 122 -15.01 -23.76 6.13
CA PRO B 122 -14.99 -23.81 7.61
C PRO B 122 -16.27 -24.37 8.22
N GLU B 123 -16.16 -24.95 9.42
CA GLU B 123 -17.32 -25.07 10.30
C GLU B 123 -17.28 -23.87 11.24
N VAL B 124 -18.45 -23.38 11.65
CA VAL B 124 -18.50 -22.12 12.37
C VAL B 124 -19.40 -22.38 13.61
N ALA B 125 -18.96 -21.88 14.75
CA ALA B 125 -19.80 -22.00 15.94
C ALA B 125 -19.67 -20.73 16.75
N VAL B 126 -20.75 -20.35 17.42
CA VAL B 126 -20.75 -19.20 18.32
C VAL B 126 -20.90 -19.70 19.74
N PHE B 127 -20.09 -19.13 20.63
CA PHE B 127 -20.05 -19.51 22.04
C PHE B 127 -20.58 -18.35 22.84
N GLU B 128 -21.54 -18.66 23.72
CA GLU B 128 -22.30 -17.65 24.44
C GLU B 128 -21.53 -17.13 25.65
N PRO B 129 -21.78 -15.85 26.02
CA PRO B 129 -21.08 -15.17 27.12
C PRO B 129 -21.20 -15.97 28.36
N SER B 130 -20.12 -16.09 29.10
CA SER B 130 -20.26 -16.76 30.40
C SER B 130 -21.00 -15.93 31.45
N GLU B 131 -21.78 -16.58 32.31
CA GLU B 131 -22.51 -15.81 33.31
C GLU B 131 -21.54 -15.19 34.34
N ALA B 132 -20.39 -15.83 34.50
CA ALA B 132 -19.38 -15.33 35.45
C ALA B 132 -18.83 -13.99 34.95
N GLU B 133 -18.53 -13.90 33.65
CA GLU B 133 -18.11 -12.60 33.10
C GLU B 133 -19.23 -11.57 33.26
N ILE B 134 -20.46 -12.01 33.02
CA ILE B 134 -21.59 -11.09 33.07
C ILE B 134 -21.66 -10.49 34.45
N SER B 135 -21.49 -11.32 35.48
CA SER B 135 -21.63 -10.84 36.83
C SER B 135 -20.44 -10.01 37.27
N HIS B 136 -19.24 -10.44 36.87
CA HIS B 136 -18.01 -9.82 37.34
C HIS B 136 -17.76 -8.44 36.70
N THR B 137 -18.08 -8.34 35.42
CA THR B 137 -17.69 -7.19 34.62
C THR B 137 -18.86 -6.36 34.05
N GLN B 138 -20.08 -6.89 34.16
CA GLN B 138 -21.27 -6.26 33.56
C GLN B 138 -21.12 -6.27 32.04
N LYS B 139 -20.23 -7.11 31.53
CA LYS B 139 -20.06 -7.19 30.08
C LYS B 139 -20.23 -8.62 29.63
N ALA B 140 -20.34 -8.80 28.33
CA ALA B 140 -20.61 -10.13 27.76
C ALA B 140 -19.87 -10.30 26.45
N THR B 141 -18.96 -11.28 26.40
CA THR B 141 -18.17 -11.54 25.23
C THR B 141 -18.64 -12.83 24.55
N LEU B 142 -19.03 -12.72 23.28
CA LEU B 142 -19.39 -13.86 22.46
C LEU B 142 -18.12 -14.21 21.74
N VAL B 143 -17.90 -15.50 21.48
CA VAL B 143 -16.76 -15.92 20.65
C VAL B 143 -17.27 -16.65 19.43
N CYS B 144 -16.62 -16.41 18.29
CA CYS B 144 -16.92 -17.17 17.11
C CYS B 144 -15.66 -17.96 16.75
N LEU B 145 -15.84 -19.21 16.33
CA LEU B 145 -14.72 -20.05 15.94
C LEU B 145 -15.04 -20.60 14.55
N ALA B 146 -14.11 -20.37 13.60
CA ALA B 146 -14.21 -20.95 12.26
C ALA B 146 -13.10 -21.96 12.20
N THR B 147 -13.37 -23.22 11.89
CA THR B 147 -12.33 -24.22 12.07
C THR B 147 -12.33 -25.11 10.87
N GLY B 148 -11.16 -25.74 10.64
CA GLY B 148 -11.03 -26.83 9.67
C GLY B 148 -11.01 -26.39 8.20
N PHE B 149 -10.72 -25.12 7.96
CA PHE B 149 -10.85 -24.63 6.58
C PHE B 149 -9.51 -24.62 5.85
N TYR B 150 -9.56 -24.81 4.53
CA TYR B 150 -8.39 -24.67 3.64
C TYR B 150 -8.89 -24.32 2.24
N PRO B 151 -8.29 -23.32 1.55
CA PRO B 151 -7.07 -22.58 1.93
C PRO B 151 -7.36 -21.49 2.94
N ASP B 152 -6.32 -20.75 3.32
CA ASP B 152 -6.47 -19.73 4.36
C ASP B 152 -6.98 -18.50 3.61
N HIS B 153 -8.31 -18.46 3.42
CA HIS B 153 -8.93 -17.47 2.55
C HIS B 153 -10.39 -17.25 2.99
N VAL B 154 -10.53 -16.58 4.13
CA VAL B 154 -11.85 -16.36 4.74
C VAL B 154 -11.95 -14.93 5.15
N GLU B 155 -13.20 -14.45 5.30
CA GLU B 155 -13.46 -13.15 5.87
C GLU B 155 -14.58 -13.34 6.92
N LEU B 156 -14.28 -12.98 8.16
CA LEU B 156 -15.28 -13.18 9.23
C LEU B 156 -15.90 -11.85 9.57
N SER B 157 -17.23 -11.80 9.77
CA SER B 157 -17.86 -10.55 10.15
C SER B 157 -18.93 -10.91 11.19
N TRP B 158 -19.26 -9.95 12.04
CA TRP B 158 -20.42 -10.10 12.96
C TRP B 158 -21.59 -9.22 12.54
N TRP B 159 -22.79 -9.74 12.73
CA TRP B 159 -24.05 -9.13 12.42
C TRP B 159 -24.98 -9.19 13.64
N VAL B 160 -25.44 -8.02 14.05
CA VAL B 160 -26.34 -7.90 15.21
C VAL B 160 -27.61 -7.33 14.65
N ASN B 161 -28.72 -8.01 14.91
CA ASN B 161 -30.00 -7.62 14.37
C ASN B 161 -29.94 -7.34 12.86
N GLY B 162 -29.18 -8.17 12.16
CA GLY B 162 -29.21 -8.17 10.71
C GLY B 162 -28.28 -7.10 10.16
N LYS B 163 -27.53 -6.43 11.03
CA LYS B 163 -26.58 -5.35 10.59
C LYS B 163 -25.15 -5.61 10.95
N GLU B 164 -24.22 -5.36 10.03
CA GLU B 164 -22.82 -5.58 10.35
C GLU B 164 -22.31 -4.63 11.41
N VAL B 165 -21.57 -5.17 12.39
CA VAL B 165 -21.03 -4.30 13.44
C VAL B 165 -19.50 -4.42 13.48
N HIS B 166 -18.83 -3.33 13.88
CA HIS B 166 -17.38 -3.36 14.07
C HIS B 166 -16.98 -2.99 15.47
N SER B 167 -17.83 -2.23 16.14
CA SER B 167 -17.53 -1.82 17.49
C SER B 167 -17.59 -3.03 18.40
N GLY B 168 -16.67 -3.14 19.37
CA GLY B 168 -16.64 -4.28 20.28
C GLY B 168 -16.12 -5.59 19.67
N VAL B 169 -15.57 -5.52 18.45
CA VAL B 169 -15.08 -6.70 17.73
C VAL B 169 -13.56 -6.78 17.69
N CYS B 170 -13.00 -7.99 17.89
CA CYS B 170 -11.60 -8.24 17.53
C CYS B 170 -11.48 -9.63 16.92
N THR B 171 -10.95 -9.73 15.70
CA THR B 171 -10.79 -11.02 15.02
C THR B 171 -9.28 -11.24 14.84
N ASP B 172 -8.77 -12.46 15.02
CA ASP B 172 -7.32 -12.67 14.99
C ASP B 172 -6.84 -12.19 13.62
N PRO B 173 -5.71 -11.48 13.58
CA PRO B 173 -5.10 -10.97 12.35
C PRO B 173 -4.74 -12.10 11.40
N GLN B 174 -4.33 -13.25 11.94
CA GLN B 174 -4.00 -14.42 11.08
C GLN B 174 -4.65 -15.69 11.64
N PRO B 175 -5.29 -16.52 10.76
CA PRO B 175 -5.72 -17.87 11.17
C PRO B 175 -4.55 -18.66 11.69
N LEU B 176 -4.76 -19.61 12.61
CA LEU B 176 -3.68 -20.49 13.02
C LEU B 176 -3.82 -21.86 12.34
N LYS B 177 -2.72 -22.59 12.26
CA LYS B 177 -2.72 -23.90 11.60
C LYS B 177 -3.17 -24.91 12.59
N GLU B 178 -4.19 -25.71 12.25
CA GLU B 178 -4.62 -26.75 13.17
C GLU B 178 -3.57 -27.85 13.39
N GLN B 179 -2.72 -28.08 12.38
CA GLN B 179 -1.55 -28.95 12.51
C GLN B 179 -0.32 -28.17 12.11
N PRO B 180 0.22 -27.36 13.04
CA PRO B 180 1.28 -26.39 12.74
C PRO B 180 2.57 -27.01 12.16
N ALA B 181 2.76 -28.34 12.28
CA ALA B 181 3.92 -28.98 11.66
C ALA B 181 3.76 -29.20 10.14
N LEU B 182 2.54 -29.06 9.62
CA LEU B 182 2.32 -29.50 8.24
C LEU B 182 2.23 -28.27 7.36
N ASN B 183 2.88 -28.33 6.21
CA ASN B 183 2.79 -27.23 5.25
C ASN B 183 1.35 -26.99 4.82
N ASP B 184 0.61 -28.08 4.64
CA ASP B 184 -0.75 -28.04 4.08
C ASP B 184 -1.84 -28.15 5.15
N SER B 185 -1.59 -27.64 6.33
CA SER B 185 -2.57 -27.73 7.39
C SER B 185 -3.88 -26.98 7.08
N ARG B 186 -4.99 -27.47 7.60
CA ARG B 186 -6.18 -26.65 7.60
C ARG B 186 -6.04 -25.61 8.69
N TYR B 187 -6.89 -24.59 8.70
CA TYR B 187 -6.71 -23.47 9.57
C TYR B 187 -7.92 -23.28 10.45
N ALA B 188 -7.77 -22.45 11.47
CA ALA B 188 -8.88 -22.05 12.31
C ALA B 188 -8.69 -20.58 12.66
N LEU B 189 -9.78 -19.89 13.04
CA LEU B 189 -9.74 -18.46 13.25
C LEU B 189 -10.75 -18.18 14.35
N SER B 190 -10.42 -17.28 15.28
CA SER B 190 -11.36 -16.91 16.34
C SER B 190 -11.68 -15.43 16.26
N SER B 191 -12.82 -15.04 16.80
CA SER B 191 -13.13 -13.63 16.88
C SER B 191 -13.97 -13.40 18.15
N ARG B 192 -13.96 -12.19 18.68
CA ARG B 192 -14.83 -11.88 19.84
C ARG B 192 -15.72 -10.70 19.50
N LEU B 193 -16.92 -10.68 20.09
CA LEU B 193 -17.79 -9.55 19.98
C LEU B 193 -18.20 -9.29 21.41
N ARG B 194 -17.83 -8.13 21.95
CA ARG B 194 -18.21 -7.82 23.35
C ARG B 194 -19.31 -6.78 23.40
N VAL B 195 -20.33 -7.01 24.24
CA VAL B 195 -21.45 -6.08 24.33
C VAL B 195 -21.72 -5.91 25.81
N SER B 196 -22.50 -4.93 26.22
CA SER B 196 -22.88 -4.85 27.63
C SER B 196 -23.70 -6.08 28.00
N ALA B 197 -23.67 -6.46 29.28
CA ALA B 197 -24.53 -7.53 29.77
C ALA B 197 -26.02 -7.31 29.44
N THR B 198 -26.55 -6.09 29.60
CA THR B 198 -27.97 -5.84 29.33
C THR B 198 -28.28 -6.05 27.86
N PHE B 199 -27.31 -5.82 26.97
CA PHE B 199 -27.62 -6.00 25.57
C PHE B 199 -27.74 -7.49 25.25
N TRP B 200 -26.87 -8.28 25.86
CA TRP B 200 -26.89 -9.72 25.67
C TRP B 200 -28.10 -10.33 26.33
N GLN B 201 -28.56 -9.77 27.45
CA GLN B 201 -29.66 -10.39 28.17
C GLN B 201 -31.03 -10.08 27.58
N ASN B 202 -31.07 -9.25 26.55
CA ASN B 202 -32.32 -8.99 25.83
C ASN B 202 -32.55 -10.10 24.78
N PRO B 203 -33.59 -10.93 24.95
CA PRO B 203 -33.76 -12.01 23.96
C PRO B 203 -34.27 -11.52 22.59
N ARG B 204 -34.60 -10.24 22.46
CA ARG B 204 -35.00 -9.70 21.16
C ARG B 204 -33.78 -9.42 20.26
N ASN B 205 -32.56 -9.43 20.82
CA ASN B 205 -31.34 -9.20 20.04
C ASN B 205 -30.79 -10.48 19.40
N HIS B 206 -30.42 -10.39 18.12
CA HIS B 206 -30.01 -11.54 17.35
C HIS B 206 -28.52 -11.36 16.97
N PHE B 207 -27.71 -12.41 17.12
CA PHE B 207 -26.28 -12.30 16.87
C PHE B 207 -25.89 -13.35 15.84
N ARG B 208 -24.97 -13.02 14.92
CA ARG B 208 -24.58 -13.99 13.89
C ARG B 208 -23.16 -13.74 13.53
N CYS B 209 -22.36 -14.83 13.54
CA CYS B 209 -20.97 -14.77 13.10
C CYS B 209 -20.99 -15.35 11.68
N GLN B 210 -20.49 -14.59 10.71
CA GLN B 210 -20.64 -15.00 9.33
C GLN B 210 -19.24 -15.20 8.80
N VAL B 211 -18.97 -16.34 8.21
CA VAL B 211 -17.63 -16.53 7.63
C VAL B 211 -17.76 -16.75 6.12
N GLN B 212 -17.30 -15.78 5.35
CA GLN B 212 -17.24 -15.98 3.89
C GLN B 212 -15.98 -16.77 3.57
N PHE B 213 -16.13 -17.91 2.89
CA PHE B 213 -15.00 -18.77 2.48
C PHE B 213 -14.85 -18.66 0.98
N TYR B 214 -13.60 -18.57 0.50
CA TYR B 214 -13.33 -18.65 -0.91
C TYR B 214 -12.66 -19.99 -1.25
N GLY B 215 -13.32 -20.77 -2.10
CA GLY B 215 -12.83 -22.06 -2.49
C GLY B 215 -13.06 -22.31 -3.96
N LEU B 216 -13.71 -23.42 -4.30
CA LEU B 216 -13.88 -23.76 -5.71
C LEU B 216 -14.94 -22.89 -6.39
N SER B 217 -14.84 -22.71 -7.70
CA SER B 217 -15.83 -21.89 -8.39
C SER B 217 -16.79 -22.80 -9.13
N GLU B 218 -17.85 -22.22 -9.69
CA GLU B 218 -18.86 -23.01 -10.38
C GLU B 218 -18.24 -23.68 -11.59
N ASN B 219 -17.16 -23.10 -12.12
CA ASN B 219 -16.50 -23.68 -13.27
C ASN B 219 -15.37 -24.65 -12.94
N ASP B 220 -15.06 -24.76 -11.66
CA ASP B 220 -14.06 -25.72 -11.20
C ASP B 220 -14.62 -27.11 -11.36
N GLU B 221 -13.74 -28.03 -11.73
CA GLU B 221 -14.09 -29.43 -11.90
C GLU B 221 -14.15 -30.09 -10.50
N TRP B 222 -15.06 -31.04 -10.30
CA TRP B 222 -15.17 -31.79 -9.05
C TRP B 222 -15.98 -33.07 -9.22
N THR B 223 -15.40 -34.17 -8.76
CA THR B 223 -16.02 -35.50 -8.80
C THR B 223 -15.65 -36.28 -7.52
N GLN B 224 -16.20 -35.88 -6.39
CA GLN B 224 -15.97 -36.60 -5.14
C GLN B 224 -17.29 -36.74 -4.41
N ASP B 225 -17.27 -37.34 -3.23
CA ASP B 225 -18.52 -37.64 -2.54
C ASP B 225 -18.87 -36.69 -1.41
N ARG B 226 -17.90 -35.95 -0.90
CA ARG B 226 -18.29 -34.83 -0.07
C ARG B 226 -18.77 -33.75 -1.03
N ALA B 227 -19.53 -32.80 -0.52
CA ALA B 227 -20.02 -31.70 -1.34
C ALA B 227 -18.81 -30.94 -1.87
N LYS B 228 -18.90 -30.44 -3.10
CA LYS B 228 -17.91 -29.57 -3.71
C LYS B 228 -17.64 -28.44 -2.70
N PRO B 229 -16.37 -28.22 -2.33
CA PRO B 229 -16.14 -27.15 -1.33
C PRO B 229 -16.09 -25.77 -2.01
N VAL B 230 -17.24 -25.30 -2.51
CA VAL B 230 -17.31 -24.04 -3.24
C VAL B 230 -17.19 -22.84 -2.29
N THR B 231 -16.83 -21.70 -2.87
CA THR B 231 -16.95 -20.41 -2.25
C THR B 231 -18.37 -20.32 -1.67
N GLN B 232 -18.46 -19.94 -0.42
CA GLN B 232 -19.75 -20.03 0.29
C GLN B 232 -19.58 -19.29 1.59
N ILE B 233 -20.72 -19.01 2.21
CA ILE B 233 -20.77 -18.36 3.51
C ILE B 233 -21.26 -19.43 4.48
N VAL B 234 -20.57 -19.57 5.63
CA VAL B 234 -20.99 -20.48 6.70
C VAL B 234 -21.16 -19.60 7.92
N SER B 235 -22.28 -19.74 8.65
CA SER B 235 -22.56 -18.83 9.76
C SER B 235 -23.01 -19.64 10.97
N ALA B 236 -22.97 -18.99 12.12
CA ALA B 236 -23.65 -19.56 13.30
C ALA B 236 -24.31 -18.38 14.04
N GLU B 237 -25.41 -18.63 14.76
CA GLU B 237 -26.12 -17.52 15.40
C GLU B 237 -26.52 -17.86 16.81
N ALA B 238 -26.89 -16.82 17.55
CA ALA B 238 -27.48 -17.01 18.87
C ALA B 238 -28.45 -15.85 19.11
N TRP B 239 -29.56 -16.10 19.79
CA TRP B 239 -30.36 -15.00 20.27
C TRP B 239 -29.85 -14.64 21.68
N GLY B 240 -30.10 -13.40 22.11
CA GLY B 240 -29.77 -12.99 23.46
C GLY B 240 -30.62 -13.80 24.41
N ARG B 241 -30.25 -13.81 25.69
CA ARG B 241 -30.94 -14.66 26.65
C ARG B 241 -30.95 -14.04 28.03
N ALA B 242 -32.11 -13.99 28.62
CA ALA B 242 -32.24 -13.35 29.93
C ALA B 242 -31.59 -14.12 31.07
N ASP B 243 -31.61 -15.45 31.01
CA ASP B 243 -31.36 -16.25 32.23
C ASP B 243 -32.07 -15.68 33.48
N MET C 1 34.16 27.34 -15.88
CA MET C 1 35.12 28.29 -16.46
C MET C 1 34.61 29.73 -16.46
N GLY C 2 33.77 30.06 -17.45
CA GLY C 2 32.98 31.28 -17.44
C GLY C 2 31.55 30.77 -17.36
N PRO C 3 30.54 31.67 -17.43
CA PRO C 3 29.14 31.18 -17.29
C PRO C 3 28.69 30.24 -18.40
N HIS C 4 27.74 29.36 -18.09
CA HIS C 4 27.22 28.49 -19.13
C HIS C 4 25.72 28.23 -18.90
N SER C 5 25.03 27.67 -19.89
CA SER C 5 23.61 27.33 -19.69
C SER C 5 23.20 26.09 -20.46
N MET C 6 22.18 25.39 -19.96
CA MET C 6 21.53 24.34 -20.75
C MET C 6 20.04 24.64 -20.71
N ARG C 7 19.38 24.36 -21.82
CA ARG C 7 17.94 24.50 -21.92
C ARG C 7 17.39 23.40 -22.78
N TYR C 8 16.20 22.93 -22.44
CA TYR C 8 15.41 22.13 -23.40
C TYR C 8 14.16 22.93 -23.72
N TYR C 9 13.81 22.93 -25.00
CA TYR C 9 12.52 23.44 -25.45
C TYR C 9 11.69 22.28 -25.99
N GLU C 10 10.60 21.97 -25.30
CA GLU C 10 9.68 20.93 -25.72
C GLU C 10 8.36 21.52 -26.17
N THR C 11 7.90 21.12 -27.35
CA THR C 11 6.67 21.65 -27.89
C THR C 11 5.82 20.49 -28.39
N ALA C 12 4.51 20.55 -28.24
CA ALA C 12 3.71 19.59 -28.93
C ALA C 12 2.74 20.42 -29.69
N THR C 13 2.66 20.17 -30.99
CA THR C 13 1.88 21.04 -31.84
C THR C 13 0.83 20.27 -32.63
N SER C 14 -0.44 20.56 -32.37
CA SER C 14 -1.54 19.98 -33.14
C SER C 14 -1.89 20.87 -34.36
N PRO C 21 -0.74 15.09 -32.27
CA PRO C 21 0.11 16.27 -32.48
C PRO C 21 1.58 15.91 -32.60
N ARG C 22 2.35 16.76 -33.26
CA ARG C 22 3.77 16.49 -33.33
C ARG C 22 4.53 17.21 -32.24
N TYR C 23 4.95 16.38 -31.31
CA TYR C 23 5.79 16.75 -30.22
C TYR C 23 7.23 16.80 -30.78
N THR C 24 7.96 17.80 -30.34
CA THR C 24 9.35 18.03 -30.70
C THR C 24 10.14 18.44 -29.46
N SER C 25 11.38 17.99 -29.33
CA SER C 25 12.18 18.46 -28.20
C SER C 25 13.55 18.79 -28.72
N VAL C 26 14.07 19.96 -28.32
CA VAL C 26 15.38 20.43 -28.75
C VAL C 26 16.21 20.86 -27.53
N GLY C 27 17.44 20.37 -27.44
CA GLY C 27 18.31 20.71 -26.33
C GLY C 27 19.34 21.72 -26.80
N TYR C 28 19.71 22.65 -25.93
CA TYR C 28 20.70 23.66 -26.24
C TYR C 28 21.67 23.67 -25.09
N VAL C 29 22.93 23.85 -25.45
CA VAL C 29 23.97 24.15 -24.49
C VAL C 29 24.58 25.46 -24.96
N ASP C 30 24.62 26.47 -24.09
CA ASP C 30 25.16 27.79 -24.45
C ASP C 30 24.55 28.33 -25.74
N ASP C 31 23.23 28.19 -25.83
CA ASP C 31 22.43 28.63 -26.96
C ASP C 31 22.74 27.92 -28.26
N LYS C 32 23.45 26.80 -28.21
CA LYS C 32 23.74 26.02 -29.41
C LYS C 32 22.99 24.69 -29.34
N GLU C 33 22.19 24.43 -30.36
CA GLU C 33 21.41 23.19 -30.41
C GLU C 33 22.32 21.95 -30.44
N PHE C 34 22.03 20.96 -29.57
CA PHE C 34 22.84 19.74 -29.53
C PHE C 34 22.11 18.38 -29.68
N VAL C 35 20.83 18.33 -29.33
CA VAL C 35 20.06 17.11 -29.55
C VAL C 35 18.65 17.45 -30.00
N ARG C 36 17.97 16.50 -30.63
CA ARG C 36 16.67 16.78 -31.20
C ARG C 36 15.78 15.55 -31.22
N PHE C 37 14.50 15.73 -30.95
CA PHE C 37 13.53 14.66 -31.10
C PHE C 37 12.32 15.19 -31.85
N ASP C 38 11.85 14.44 -32.86
CA ASP C 38 10.65 14.82 -33.60
C ASP C 38 9.77 13.57 -33.82
N SER C 39 8.47 13.71 -33.58
CA SER C 39 7.55 12.60 -33.73
C SER C 39 6.89 12.55 -35.11
N ASP C 40 7.68 12.88 -36.14
CA ASP C 40 7.21 12.88 -37.52
C ASP C 40 8.20 12.10 -38.38
N ALA C 41 9.43 12.00 -37.87
CA ALA C 41 10.49 11.25 -38.54
C ALA C 41 10.15 9.77 -38.62
N GLU C 42 10.87 9.03 -39.47
CA GLU C 42 10.68 7.60 -39.59
C GLU C 42 10.95 6.91 -38.25
N ASN C 43 12.00 7.36 -37.56
CA ASN C 43 12.37 6.76 -36.29
C ASN C 43 12.30 7.77 -35.17
N PRO C 44 11.07 8.07 -34.70
CA PRO C 44 10.92 9.05 -33.61
C PRO C 44 11.87 8.71 -32.48
N ARG C 45 12.96 9.46 -32.38
CA ARG C 45 14.06 9.16 -31.46
C ARG C 45 14.99 10.36 -31.36
N TYR C 46 15.43 10.68 -30.15
CA TYR C 46 16.47 11.69 -29.96
C TYR C 46 17.68 11.36 -30.84
N GLU C 47 18.28 12.36 -31.47
CA GLU C 47 19.46 12.17 -32.30
C GLU C 47 20.48 13.24 -31.90
N PRO C 48 21.79 12.94 -31.96
CA PRO C 48 22.75 14.03 -31.76
C PRO C 48 22.70 15.00 -32.93
N GLN C 49 22.97 16.27 -32.68
CA GLN C 49 22.95 17.29 -33.71
C GLN C 49 24.37 17.85 -33.99
N VAL C 50 25.30 17.48 -33.12
CA VAL C 50 26.67 17.95 -33.18
C VAL C 50 27.57 16.72 -32.93
N PRO C 51 28.77 16.70 -33.52
CA PRO C 51 29.60 15.48 -33.51
C PRO C 51 29.99 15.05 -32.10
N TRP C 52 30.15 16.02 -31.19
CA TRP C 52 30.64 15.72 -29.86
C TRP C 52 29.64 14.99 -28.99
N MET C 53 28.39 14.90 -29.44
CA MET C 53 27.37 14.13 -28.72
C MET C 53 27.34 12.66 -29.20
N GLU C 54 28.07 12.38 -30.25
CA GLU C 54 27.97 11.07 -30.88
C GLU C 54 28.68 10.01 -30.06
N GLN C 55 29.56 10.47 -29.17
CA GLN C 55 30.35 9.56 -28.36
C GLN C 55 29.56 9.04 -27.15
N GLU C 56 28.30 9.49 -27.01
CA GLU C 56 27.41 8.93 -26.01
C GLU C 56 26.87 7.56 -26.47
N GLY C 57 27.12 6.51 -25.69
CA GLY C 57 26.73 5.16 -26.06
C GLY C 57 25.24 4.99 -26.26
N PRO C 58 24.81 3.85 -26.83
CA PRO C 58 23.41 3.59 -27.22
C PRO C 58 22.43 3.60 -26.05
N GLU C 59 22.94 3.27 -24.87
CA GLU C 59 22.17 3.29 -23.63
C GLU C 59 21.61 4.70 -23.39
N TYR C 60 22.45 5.70 -23.53
CA TYR C 60 22.00 7.09 -23.43
C TYR C 60 20.79 7.39 -24.32
N TRP C 61 20.93 7.08 -25.61
CA TRP C 61 19.95 7.49 -26.60
C TRP C 61 18.63 6.75 -26.39
N GLU C 62 18.74 5.49 -25.99
CA GLU C 62 17.56 4.69 -25.67
C GLU C 62 16.82 5.31 -24.46
N ARG C 63 17.59 5.59 -23.42
CA ARG C 63 17.07 6.25 -22.21
C ARG C 63 16.25 7.50 -22.55
N ILE C 64 16.91 8.49 -23.16
CA ILE C 64 16.19 9.72 -23.40
C ILE C 64 15.06 9.58 -24.47
N THR C 65 15.19 8.63 -25.39
CA THR C 65 14.07 8.37 -26.30
C THR C 65 12.81 7.94 -25.52
N GLN C 66 13.00 7.02 -24.57
CA GLN C 66 11.88 6.57 -23.74
C GLN C 66 11.30 7.73 -22.94
N ILE C 67 12.19 8.55 -22.37
CA ILE C 67 11.71 9.81 -21.79
C ILE C 67 10.82 10.55 -22.79
N ALA C 68 11.26 10.67 -24.04
CA ALA C 68 10.51 11.42 -25.04
C ALA C 68 9.13 10.84 -25.36
N LYS C 69 9.02 9.52 -25.44
CA LYS C 69 7.72 8.93 -25.72
C LYS C 69 6.75 9.20 -24.55
N GLY C 70 7.29 9.03 -23.33
CA GLY C 70 6.52 9.38 -22.15
C GLY C 70 6.06 10.82 -22.15
N GLN C 71 6.97 11.72 -22.54
CA GLN C 71 6.67 13.12 -22.73
C GLN C 71 5.54 13.37 -23.72
N GLU C 72 5.54 12.66 -24.85
CA GLU C 72 4.45 12.79 -25.83
C GLU C 72 3.13 12.56 -25.13
N GLN C 73 3.07 11.50 -24.32
CA GLN C 73 1.87 11.17 -23.53
C GLN C 73 1.41 12.26 -22.58
N TRP C 74 2.37 12.78 -21.82
CA TRP C 74 2.10 13.88 -20.90
C TRP C 74 1.57 15.07 -21.69
N PHE C 75 2.06 15.23 -22.91
CA PHE C 75 1.72 16.41 -23.70
C PHE C 75 0.31 16.27 -24.27
N ARG C 76 -0.12 15.05 -24.57
CA ARG C 76 -1.49 14.86 -25.06
C ARG C 76 -2.48 15.01 -23.92
N VAL C 77 -2.18 14.37 -22.80
CA VAL C 77 -3.05 14.55 -21.65
C VAL C 77 -3.20 16.05 -21.35
N ASN C 78 -2.11 16.78 -21.29
CA ASN C 78 -2.25 18.19 -20.95
C ASN C 78 -2.76 19.10 -22.06
N LEU C 79 -2.56 18.72 -23.31
CA LEU C 79 -3.14 19.44 -24.44
C LEU C 79 -4.65 19.31 -24.40
N ARG C 80 -5.12 18.05 -24.32
CA ARG C 80 -6.55 17.78 -24.25
C ARG C 80 -7.11 18.45 -23.01
N THR C 81 -6.28 18.51 -21.98
CA THR C 81 -6.67 19.08 -20.72
C THR C 81 -7.01 20.50 -20.99
N LEU C 82 -6.06 21.19 -21.63
CA LEU C 82 -6.22 22.60 -21.98
C LEU C 82 -7.41 22.90 -22.92
N LEU C 83 -7.60 22.08 -23.96
CA LEU C 83 -8.80 22.17 -24.82
C LEU C 83 -10.03 22.17 -23.94
N GLY C 84 -9.98 21.33 -22.90
CA GLY C 84 -10.96 21.37 -21.83
C GLY C 84 -11.19 22.75 -21.24
N TYR C 85 -10.25 23.28 -20.46
CA TYR C 85 -10.51 24.59 -19.84
C TYR C 85 -10.24 25.71 -20.82
N HIS C 94 -2.40 23.89 -32.42
CA HIS C 94 -2.01 24.35 -31.08
C HIS C 94 -0.57 24.01 -30.76
N THR C 95 -0.02 24.69 -29.75
CA THR C 95 1.30 24.39 -29.23
C THR C 95 1.32 24.45 -27.70
N LEU C 96 1.67 23.32 -27.09
CA LEU C 96 1.97 23.29 -25.67
C LEU C 96 3.46 23.43 -25.61
N GLN C 97 3.99 24.31 -24.76
CA GLN C 97 5.46 24.47 -24.65
C GLN C 97 5.99 24.36 -23.22
N TRP C 98 7.02 23.54 -23.05
CA TRP C 98 7.71 23.44 -21.79
C TRP C 98 9.17 23.77 -22.05
N MET C 99 9.68 24.81 -21.40
CA MET C 99 11.09 25.15 -21.49
C MET C 99 11.72 25.06 -20.09
N TYR C 100 12.85 24.38 -19.97
CA TYR C 100 13.44 24.31 -18.67
C TYR C 100 14.94 24.27 -18.78
N GLY C 101 15.60 24.42 -17.62
CA GLY C 101 17.05 24.30 -17.63
C GLY C 101 17.75 25.19 -16.62
N CYS C 102 19.03 25.43 -16.82
CA CYS C 102 19.85 26.01 -15.77
C CYS C 102 20.95 26.90 -16.32
N ASP C 103 21.24 27.97 -15.58
CA ASP C 103 22.44 28.77 -15.79
C ASP C 103 23.38 28.51 -14.63
N VAL C 104 24.66 28.42 -14.96
CA VAL C 104 25.67 28.23 -13.94
C VAL C 104 26.79 29.30 -14.09
N GLY C 105 27.37 29.72 -12.96
CA GLY C 105 28.45 30.69 -12.93
C GLY C 105 29.81 30.09 -13.17
N SER C 106 30.84 30.92 -13.04
CA SER C 106 32.22 30.52 -13.34
C SER C 106 32.69 29.40 -12.41
N ASP C 107 32.06 29.28 -11.24
CA ASP C 107 32.36 28.21 -10.30
C ASP C 107 31.61 26.94 -10.64
N GLY C 108 30.89 26.94 -11.77
CA GLY C 108 30.12 25.79 -12.23
C GLY C 108 28.82 25.57 -11.43
N ARG C 109 28.54 26.43 -10.46
CA ARG C 109 27.38 26.27 -9.59
C ARG C 109 26.14 26.97 -10.14
N LEU C 110 24.96 26.45 -9.75
CA LEU C 110 23.68 26.98 -10.23
C LEU C 110 23.48 28.46 -9.92
N LEU C 111 23.23 29.25 -10.97
CA LEU C 111 22.94 30.67 -10.83
C LEU C 111 21.44 30.83 -10.90
N ARG C 112 20.80 30.07 -11.79
CA ARG C 112 19.33 30.20 -11.93
C ARG C 112 18.71 28.99 -12.66
N GLY C 113 17.53 28.56 -12.22
CA GLY C 113 16.83 27.41 -12.78
C GLY C 113 15.53 27.94 -13.40
N TYR C 114 15.03 27.27 -14.44
CA TYR C 114 13.84 27.72 -15.16
C TYR C 114 12.87 26.55 -15.39
N GLU C 115 11.57 26.83 -15.28
CA GLU C 115 10.53 25.86 -15.64
C GLU C 115 9.43 26.74 -16.08
N GLN C 116 9.18 26.79 -17.38
CA GLN C 116 8.29 27.75 -17.98
C GLN C 116 7.34 26.97 -18.85
N PHE C 117 6.06 27.15 -18.57
CA PHE C 117 5.02 26.44 -19.29
C PHE C 117 4.17 27.47 -19.95
N ALA C 118 3.95 27.27 -21.24
CA ALA C 118 3.21 28.21 -22.04
C ALA C 118 2.31 27.50 -23.02
N TYR C 119 1.22 28.15 -23.35
CA TYR C 119 0.22 27.58 -24.21
C TYR C 119 -0.17 28.59 -25.27
N ASP C 120 0.06 28.22 -26.53
CA ASP C 120 -0.31 29.07 -27.65
C ASP C 120 0.28 30.45 -27.56
N GLY C 121 1.56 30.51 -27.18
CA GLY C 121 2.30 31.75 -27.17
C GLY C 121 2.06 32.64 -25.96
N CYS C 122 1.32 32.14 -24.97
CA CYS C 122 1.05 32.91 -23.76
C CYS C 122 1.57 32.20 -22.55
N ASP C 123 2.15 32.93 -21.60
CA ASP C 123 2.70 32.27 -20.41
C ASP C 123 1.54 31.62 -19.62
N TYR C 124 1.72 30.39 -19.17
CA TYR C 124 0.67 29.72 -18.41
C TYR C 124 1.09 29.73 -16.96
N ILE C 125 2.13 28.93 -16.63
CA ILE C 125 2.71 28.98 -15.29
C ILE C 125 4.24 28.83 -15.36
N ALA C 126 4.96 29.48 -14.45
CA ALA C 126 6.38 29.43 -14.50
C ALA C 126 6.90 29.46 -13.08
N LEU C 127 7.94 28.71 -12.81
CA LEU C 127 8.57 28.69 -11.51
C LEU C 127 9.34 29.96 -11.24
N ASN C 128 9.13 30.54 -10.06
CA ASN C 128 9.86 31.74 -9.71
C ASN C 128 11.32 31.47 -9.38
N GLU C 129 12.10 32.52 -9.34
CA GLU C 129 13.54 32.44 -9.13
C GLU C 129 13.89 31.73 -7.84
N ASP C 130 13.03 31.86 -6.84
CA ASP C 130 13.21 31.15 -5.58
C ASP C 130 13.13 29.61 -5.72
N LEU C 131 12.72 29.12 -6.89
CA LEU C 131 12.50 27.66 -7.07
C LEU C 131 11.54 27.08 -6.03
N ARG C 132 10.60 27.90 -5.56
CA ARG C 132 9.68 27.46 -4.49
C ARG C 132 8.28 27.86 -4.83
N THR C 133 8.11 29.03 -5.46
CA THR C 133 6.75 29.55 -5.71
C THR C 133 6.45 29.73 -7.20
N TRP C 134 5.17 29.85 -7.53
CA TRP C 134 4.75 29.84 -8.93
C TRP C 134 4.13 31.16 -9.34
N THR C 135 4.46 31.62 -10.53
CA THR C 135 3.69 32.71 -11.15
C THR C 135 2.72 32.10 -12.16
N ALA C 136 1.45 32.48 -12.03
CA ALA C 136 0.43 32.05 -12.96
C ALA C 136 -0.33 33.31 -13.33
N ALA C 137 -0.83 33.40 -14.55
CA ALA C 137 -1.72 34.53 -14.89
C ALA C 137 -3.21 34.16 -14.97
N ASP C 138 -3.52 33.17 -15.82
CA ASP C 138 -4.90 32.73 -16.05
C ASP C 138 -5.58 32.31 -14.75
N MET C 139 -6.90 32.45 -14.67
CA MET C 139 -7.65 31.86 -13.55
C MET C 139 -7.32 30.37 -13.54
N ALA C 140 -7.30 29.78 -14.73
CA ALA C 140 -7.03 28.36 -14.90
C ALA C 140 -5.62 28.04 -14.39
N ALA C 141 -4.66 28.86 -14.79
CA ALA C 141 -3.33 28.68 -14.26
C ALA C 141 -3.40 28.75 -12.73
N GLN C 142 -4.29 29.58 -12.16
CA GLN C 142 -4.45 29.58 -10.70
C GLN C 142 -4.91 28.20 -10.17
N ILE C 143 -5.77 27.50 -10.93
CA ILE C 143 -6.09 26.08 -10.64
C ILE C 143 -4.85 25.17 -10.61
N THR C 144 -4.01 25.29 -11.64
CA THR C 144 -2.82 24.47 -11.70
C THR C 144 -1.93 24.76 -10.51
N ARG C 145 -1.66 26.06 -10.31
CA ARG C 145 -0.79 26.55 -9.22
C ARG C 145 -1.27 25.83 -7.94
N ARG C 146 -2.59 25.79 -7.76
CA ARG C 146 -3.22 25.08 -6.63
C ARG C 146 -2.83 23.57 -6.49
N LYS C 147 -3.11 22.80 -7.53
CA LYS C 147 -2.65 21.41 -7.65
C LYS C 147 -1.16 21.26 -7.26
N TRP C 148 -0.32 22.12 -7.81
CA TRP C 148 1.13 21.95 -7.70
C TRP C 148 1.69 22.43 -6.39
N GLU C 149 1.11 23.47 -5.80
CA GLU C 149 1.47 23.85 -4.44
C GLU C 149 1.21 22.67 -3.55
N GLN C 150 0.04 22.04 -3.73
CA GLN C 150 -0.30 20.90 -2.86
C GLN C 150 0.54 19.63 -3.06
N ALA C 151 0.87 19.36 -4.32
CA ALA C 151 1.60 18.17 -4.68
C ALA C 151 3.13 18.34 -4.63
N GLY C 152 3.62 19.56 -4.45
CA GLY C 152 5.06 19.73 -4.30
C GLY C 152 5.80 19.77 -5.61
N ALA C 153 5.15 20.26 -6.66
CA ALA C 153 5.82 20.31 -7.96
C ALA C 153 7.12 21.13 -7.95
N ALA C 154 7.09 22.26 -7.24
CA ALA C 154 8.29 23.11 -7.20
C ALA C 154 9.53 22.36 -6.65
N GLU C 155 9.34 21.60 -5.58
CA GLU C 155 10.45 20.84 -4.97
C GLU C 155 10.95 19.77 -5.91
N TYR C 156 10.04 19.13 -6.62
CA TYR C 156 10.48 18.16 -7.63
C TYR C 156 11.37 18.79 -8.72
N TYR C 157 10.90 19.89 -9.31
CA TYR C 157 11.70 20.50 -10.36
C TYR C 157 12.99 21.03 -9.80
N ARG C 158 12.93 21.53 -8.57
CA ARG C 158 14.14 22.10 -7.95
C ARG C 158 15.20 21.01 -7.83
N ALA C 159 14.77 19.79 -7.54
CA ALA C 159 15.70 18.66 -7.46
C ALA C 159 16.41 18.51 -8.81
N TYR C 160 15.64 18.52 -9.89
CA TYR C 160 16.32 18.46 -11.19
C TYR C 160 17.28 19.63 -11.46
N LEU C 161 16.81 20.85 -11.26
CA LEU C 161 17.58 22.03 -11.63
C LEU C 161 18.85 22.16 -10.79
N GLU C 162 18.76 21.84 -9.52
CA GLU C 162 19.96 21.89 -8.65
C GLU C 162 20.89 20.67 -8.81
N GLY C 163 20.39 19.57 -9.36
CA GLY C 163 21.20 18.36 -9.42
C GLY C 163 21.57 17.94 -10.82
N GLU C 164 20.69 17.14 -11.41
CA GLU C 164 20.90 16.63 -12.77
C GLU C 164 21.22 17.72 -13.80
N CYS C 165 20.52 18.85 -13.76
CA CYS C 165 20.72 19.85 -14.80
C CYS C 165 22.19 20.35 -14.78
N VAL C 166 22.68 20.63 -13.59
CA VAL C 166 24.06 21.09 -13.48
C VAL C 166 25.03 19.98 -13.93
N GLU C 167 24.78 18.75 -13.46
CA GLU C 167 25.65 17.60 -13.75
C GLU C 167 25.70 17.27 -15.24
N TRP C 168 24.55 17.26 -15.92
CA TRP C 168 24.53 17.02 -17.37
C TRP C 168 25.19 18.16 -18.12
N LEU C 169 24.93 19.42 -17.75
CA LEU C 169 25.63 20.53 -18.41
C LEU C 169 27.15 20.35 -18.30
N HIS C 170 27.69 20.01 -17.13
CA HIS C 170 29.14 19.84 -17.08
C HIS C 170 29.56 18.68 -17.97
N ARG C 171 28.73 17.64 -17.99
CA ARG C 171 29.08 16.51 -18.87
C ARG C 171 29.15 16.95 -20.34
N TYR C 172 28.20 17.76 -20.80
CA TYR C 172 28.14 18.14 -22.20
C TYR C 172 29.25 19.12 -22.51
N LEU C 173 29.61 19.99 -21.56
CA LEU C 173 30.75 20.90 -21.77
C LEU C 173 32.05 20.09 -21.96
N LYS C 174 32.21 19.03 -21.18
CA LYS C 174 33.35 18.11 -21.36
C LYS C 174 33.30 17.34 -22.69
N ASN C 175 32.13 16.82 -23.05
CA ASN C 175 31.95 16.20 -24.37
C ASN C 175 32.51 17.09 -25.50
N GLY C 176 32.47 18.42 -25.26
CA GLY C 176 33.08 19.34 -26.22
C GLY C 176 34.54 19.67 -25.91
N SER D 1 20.70 15.99 -20.25
CA SER D 1 19.62 15.02 -20.39
C SER D 1 18.26 15.67 -20.11
N PRO D 2 17.24 15.32 -20.90
CA PRO D 2 15.95 15.95 -20.68
C PRO D 2 15.22 15.37 -19.45
N ALA D 3 14.10 15.97 -19.08
CA ALA D 3 13.48 15.60 -17.82
C ALA D 3 12.02 15.17 -17.98
N GLU D 4 11.51 14.41 -17.03
CA GLU D 4 10.09 14.08 -17.06
CA GLU D 4 10.09 14.05 -17.03
C GLU D 4 9.33 15.21 -16.41
N ALA D 5 8.27 15.67 -17.10
CA ALA D 5 7.44 16.73 -16.58
C ALA D 5 6.78 16.28 -15.25
N GLY D 6 6.32 15.04 -15.21
CA GLY D 6 5.84 14.43 -13.97
C GLY D 6 4.47 14.87 -13.51
N PHE D 7 4.31 16.17 -13.31
CA PHE D 7 3.06 16.78 -12.88
C PHE D 7 2.16 17.16 -14.06
N PHE D 8 0.85 17.15 -13.81
CA PHE D 8 -0.13 17.48 -14.86
C PHE D 8 -0.81 18.81 -14.55
N LEU D 9 -1.12 19.60 -15.58
CA LEU D 9 -2.00 20.75 -15.38
C LEU D 9 -3.43 20.30 -15.61
#